data_2MHX
#
_entry.id   2MHX
#
loop_
_entity.id
_entity.type
_entity.pdbx_description
1 polymer "5'-D(*CP*GP*GP*AP*CP*(RBD)P*AP*GP*AP*AP*G)-3')"
2 polymer "5'-D(*CP*TP*TP*CP*TP*TP*GP*TP*CP*CP*G)-3')"
#
loop_
_entity_poly.entity_id
_entity_poly.type
_entity_poly.pdbx_seq_one_letter_code
_entity_poly.pdbx_strand_id
1 'polydeoxyribonucleotide' (DC)(DG)(DG)(DA)(DC)(RBD)(DA)(DG)(DA)(DA)(DG) A
2 'polydeoxyribonucleotide' (DC)(DT)(DT)(DC)(DT)(DT)(DG)(DT)(DC)(DC)(DG) B
#